data_6IU9
#
_entry.id   6IU9
#
_cell.length_a   85.321
_cell.length_b   85.321
_cell.length_c   97.573
_cell.angle_alpha   90.000
_cell.angle_beta   90.000
_cell.angle_gamma   120.000
#
_symmetry.space_group_name_H-M   'P 31'
#
loop_
_entity.id
_entity.type
_entity.pdbx_description
1 polymer VIT1
2 non-polymer 'ZINC ION'
3 non-polymer 'FE (II) ION'
4 water water
#
_entity_poly.entity_id   1
_entity_poly.type   'polypeptide(L)'
_entity_poly.pdbx_seq_one_letter_code
;GSHSEADNYARELKREQEEIIRVPDTEAAEVAEILARYGIEPHEYGPVVNALRKKPQAWLDFMMKFELGLEKPDPKRAL
;
_entity_poly.pdbx_strand_id   A,B,C,D,E,F,H,I
#
loop_
_chem_comp.id
_chem_comp.type
_chem_comp.name
_chem_comp.formula
FE2 non-polymer 'FE (II) ION' 'Fe 2'
ZN non-polymer 'ZINC ION' 'Zn 2'
#
# COMPACT_ATOMS: atom_id res chain seq x y z
N GLY A 1 4.34 -32.75 2.17
CA GLY A 1 4.53 -31.71 3.23
C GLY A 1 5.17 -30.44 2.68
N SER A 2 6.30 -30.02 3.29
CA SER A 2 7.21 -28.95 2.82
C SER A 2 7.97 -29.44 1.57
N HIS A 3 8.26 -28.50 0.66
CA HIS A 3 9.20 -28.63 -0.48
C HIS A 3 10.13 -27.41 -0.46
N SER A 4 11.20 -27.45 0.35
CA SER A 4 12.11 -26.30 0.56
C SER A 4 12.73 -25.85 -0.77
N GLU A 5 12.86 -24.53 -0.97
CA GLU A 5 13.62 -23.93 -2.09
C GLU A 5 15.10 -24.33 -1.92
N ALA A 6 15.55 -24.48 -0.67
CA ALA A 6 16.89 -25.01 -0.31
C ALA A 6 17.01 -26.46 -0.78
N ASP A 7 15.99 -27.28 -0.49
CA ASP A 7 16.00 -28.74 -0.77
C ASP A 7 16.13 -28.98 -2.27
N ASN A 8 15.37 -28.25 -3.10
CA ASN A 8 15.33 -28.46 -4.58
C ASN A 8 16.72 -28.13 -5.17
N TYR A 9 17.35 -27.06 -4.70
CA TYR A 9 18.73 -26.68 -5.11
C TYR A 9 19.70 -27.77 -4.67
N ALA A 10 19.65 -28.25 -3.42
CA ALA A 10 20.53 -29.34 -2.97
C ALA A 10 20.27 -30.61 -3.81
N ARG A 11 19.02 -30.88 -4.20
CA ARG A 11 18.64 -32.03 -5.09
C ARG A 11 19.36 -31.83 -6.41
N GLU A 12 19.20 -30.63 -6.96
CA GLU A 12 19.70 -30.27 -8.30
C GLU A 12 21.24 -30.22 -8.23
N LEU A 13 21.81 -29.74 -7.13
CA LEU A 13 23.29 -29.65 -6.89
C LEU A 13 23.92 -31.05 -6.83
N LYS A 14 23.29 -31.95 -6.09
CA LYS A 14 23.74 -33.35 -5.95
C LYS A 14 23.83 -33.95 -7.36
N ARG A 15 22.73 -33.96 -8.10
CA ARG A 15 22.60 -34.59 -9.45
C ARG A 15 23.72 -34.08 -10.34
N GLU A 16 23.90 -32.75 -10.40
CA GLU A 16 24.86 -32.07 -11.30
C GLU A 16 26.28 -32.44 -10.88
N GLN A 17 26.57 -32.45 -9.58
CA GLN A 17 27.91 -32.78 -9.02
C GLN A 17 28.26 -34.22 -9.42
N GLU A 18 27.32 -35.16 -9.29
CA GLU A 18 27.47 -36.60 -9.64
C GLU A 18 27.81 -36.74 -11.12
N GLU A 19 27.17 -35.95 -11.98
CA GLU A 19 27.52 -35.88 -13.42
C GLU A 19 29.01 -35.52 -13.52
N ILE A 20 29.42 -34.42 -12.87
CA ILE A 20 30.78 -33.83 -13.02
C ILE A 20 31.82 -34.91 -12.68
N ILE A 21 31.50 -35.75 -11.70
CA ILE A 21 32.37 -36.85 -11.22
C ILE A 21 32.31 -38.03 -12.22
N ARG A 22 31.14 -38.36 -12.75
CA ARG A 22 30.98 -39.58 -13.58
C ARG A 22 31.33 -39.32 -15.04
N VAL A 23 30.98 -38.14 -15.57
CA VAL A 23 31.12 -37.79 -17.01
C VAL A 23 31.64 -36.36 -17.11
N PRO A 24 32.81 -36.06 -16.53
CA PRO A 24 33.33 -34.70 -16.60
C PRO A 24 33.38 -34.19 -18.04
N ASP A 25 33.89 -34.99 -18.99
CA ASP A 25 34.10 -34.51 -20.40
C ASP A 25 32.76 -34.07 -21.00
N THR A 26 31.66 -34.76 -20.66
CA THR A 26 30.31 -34.45 -21.17
C THR A 26 29.85 -33.11 -20.61
N GLU A 27 30.15 -32.88 -19.32
CA GLU A 27 29.82 -31.62 -18.62
C GLU A 27 30.64 -30.47 -19.21
N ALA A 28 31.89 -30.73 -19.56
CA ALA A 28 32.78 -29.72 -20.17
C ALA A 28 32.18 -29.29 -21.51
N ALA A 29 31.67 -30.26 -22.26
CA ALA A 29 31.01 -30.03 -23.56
C ALA A 29 29.80 -29.10 -23.37
N GLU A 30 29.05 -29.28 -22.27
CA GLU A 30 27.87 -28.41 -21.95
C GLU A 30 28.31 -26.94 -21.88
N VAL A 31 29.42 -26.65 -21.22
CA VAL A 31 29.95 -25.27 -21.07
C VAL A 31 30.32 -24.77 -22.48
N ALA A 32 31.17 -25.52 -23.21
CA ALA A 32 31.71 -25.10 -24.52
C ALA A 32 30.53 -24.69 -25.41
N GLU A 33 29.45 -25.45 -25.38
CA GLU A 33 28.28 -25.27 -26.28
C GLU A 33 27.47 -24.04 -25.86
N ILE A 34 27.45 -23.69 -24.58
CA ILE A 34 26.75 -22.47 -24.08
C ILE A 34 27.57 -21.24 -24.49
N LEU A 35 28.87 -21.26 -24.27
CA LEU A 35 29.76 -20.13 -24.66
C LEU A 35 29.75 -19.95 -26.19
N ALA A 36 29.83 -21.05 -26.96
CA ALA A 36 29.93 -21.07 -28.44
C ALA A 36 28.64 -20.51 -29.05
N ARG A 37 27.53 -20.60 -28.31
CA ARG A 37 26.23 -19.96 -28.64
C ARG A 37 26.45 -18.48 -29.03
N TYR A 38 27.37 -17.78 -28.37
CA TYR A 38 27.57 -16.31 -28.50
C TYR A 38 28.81 -16.00 -29.34
N GLY A 39 29.11 -16.85 -30.33
CA GLY A 39 30.16 -16.61 -31.35
C GLY A 39 31.54 -16.52 -30.73
N ILE A 40 31.75 -17.17 -29.59
CA ILE A 40 33.10 -17.31 -28.98
C ILE A 40 33.70 -18.60 -29.55
N GLU A 41 34.87 -18.49 -30.18
CA GLU A 41 35.48 -19.58 -30.97
C GLU A 41 36.22 -20.50 -30.00
N PRO A 42 36.37 -21.80 -30.34
CA PRO A 42 37.06 -22.75 -29.47
C PRO A 42 38.40 -22.25 -28.88
N HIS A 43 39.21 -21.56 -29.68
CA HIS A 43 40.55 -21.08 -29.25
C HIS A 43 40.35 -20.05 -28.13
N GLU A 44 39.20 -19.39 -28.13
CA GLU A 44 38.84 -18.32 -27.16
C GLU A 44 38.16 -18.91 -25.89
N TYR A 45 37.22 -19.85 -26.03
CA TYR A 45 36.44 -20.44 -24.89
C TYR A 45 37.19 -21.64 -24.26
N GLY A 46 38.05 -22.33 -25.02
CA GLY A 46 38.83 -23.48 -24.53
C GLY A 46 39.46 -23.26 -23.16
N PRO A 47 40.33 -22.25 -22.97
CA PRO A 47 40.99 -22.04 -21.68
C PRO A 47 40.04 -21.70 -20.52
N VAL A 48 38.88 -21.09 -20.81
CA VAL A 48 37.78 -20.84 -19.82
C VAL A 48 37.21 -22.19 -19.38
N VAL A 49 36.97 -23.07 -20.36
CA VAL A 49 36.45 -24.44 -20.08
C VAL A 49 37.51 -25.18 -19.28
N ASN A 50 38.78 -25.06 -19.70
CA ASN A 50 39.94 -25.67 -19.01
C ASN A 50 40.11 -25.07 -17.61
N ALA A 51 39.81 -23.77 -17.44
CA ALA A 51 39.89 -23.07 -16.13
C ALA A 51 38.80 -23.59 -15.16
N LEU A 52 37.59 -23.83 -15.65
CA LEU A 52 36.47 -24.32 -14.78
C LEU A 52 36.75 -25.76 -14.33
N ARG A 53 37.25 -26.62 -15.23
CA ARG A 53 37.56 -28.05 -14.92
C ARG A 53 38.49 -28.11 -13.72
N LYS A 54 39.46 -27.20 -13.64
CA LYS A 54 40.51 -27.22 -12.59
C LYS A 54 39.93 -26.67 -11.28
N LYS A 55 38.76 -26.01 -11.31
CA LYS A 55 38.08 -25.44 -10.11
C LYS A 55 36.69 -26.06 -9.99
N PRO A 56 36.59 -27.32 -9.55
CA PRO A 56 35.34 -28.08 -9.60
C PRO A 56 34.12 -27.35 -9.01
N GLN A 57 34.25 -26.64 -7.89
CA GLN A 57 33.10 -25.98 -7.22
C GLN A 57 32.62 -24.82 -8.10
N ALA A 58 33.55 -24.06 -8.68
CA ALA A 58 33.29 -22.96 -9.64
C ALA A 58 32.57 -23.50 -10.86
N TRP A 59 33.10 -24.61 -11.38
CA TRP A 59 32.53 -25.37 -12.52
C TRP A 59 31.09 -25.71 -12.18
N LEU A 60 30.87 -26.26 -10.99
CA LEU A 60 29.54 -26.70 -10.50
C LEU A 60 28.66 -25.45 -10.43
N ASP A 61 29.16 -24.35 -9.86
CA ASP A 61 28.37 -23.10 -9.70
C ASP A 61 27.97 -22.65 -11.10
N PHE A 62 28.94 -22.64 -12.02
CA PHE A 62 28.73 -22.20 -13.42
C PHE A 62 27.61 -23.02 -14.08
N MET A 63 27.59 -24.35 -13.95
CA MET A 63 26.47 -25.18 -14.49
C MET A 63 25.20 -24.69 -13.78
N MET A 64 25.24 -24.56 -12.45
CA MET A 64 24.03 -24.35 -11.63
C MET A 64 23.40 -23.03 -12.10
N LYS A 65 24.23 -22.01 -12.33
CA LYS A 65 23.69 -20.70 -12.76
C LYS A 65 23.27 -20.81 -14.22
N PHE A 66 24.20 -21.12 -15.13
CA PHE A 66 24.05 -20.89 -16.60
C PHE A 66 23.49 -22.12 -17.36
N GLU A 67 23.61 -23.35 -16.87
CA GLU A 67 22.92 -24.52 -17.50
C GLU A 67 21.52 -24.65 -16.90
N LEU A 68 21.36 -24.54 -15.57
CA LEU A 68 20.09 -24.86 -14.87
C LEU A 68 19.36 -23.59 -14.39
N GLY A 69 20.00 -22.41 -14.40
CA GLY A 69 19.34 -21.12 -14.11
C GLY A 69 19.11 -20.87 -12.63
N LEU A 70 19.79 -21.63 -11.76
CA LEU A 70 19.57 -21.61 -10.28
C LEU A 70 20.60 -20.71 -9.61
N GLU A 71 20.32 -20.23 -8.38
CA GLU A 71 21.33 -19.48 -7.56
C GLU A 71 21.28 -19.96 -6.11
N LYS A 72 22.28 -19.54 -5.33
CA LYS A 72 22.64 -20.05 -3.97
C LYS A 72 21.77 -19.35 -2.92
N GLY B 1 -5.12 -3.84 -17.61
CA GLY B 1 -5.81 -5.17 -17.69
C GLY B 1 -4.79 -6.28 -17.58
N SER B 2 -4.86 -7.24 -18.49
CA SER B 2 -3.71 -8.13 -18.84
C SER B 2 -2.76 -7.28 -19.70
N HIS B 3 -1.45 -7.51 -19.60
CA HIS B 3 -0.44 -6.56 -20.10
C HIS B 3 0.01 -6.96 -21.51
N SER B 4 0.24 -5.96 -22.37
CA SER B 4 0.70 -6.11 -23.78
C SER B 4 1.76 -5.07 -24.17
N GLU B 5 2.16 -4.14 -23.28
CA GLU B 5 3.24 -3.15 -23.57
C GLU B 5 4.57 -3.91 -23.69
N ALA B 6 5.50 -3.41 -24.51
CA ALA B 6 6.83 -4.04 -24.78
C ALA B 6 7.48 -4.50 -23.47
N ASP B 7 7.61 -5.82 -23.28
CA ASP B 7 7.87 -6.48 -21.98
C ASP B 7 9.28 -6.13 -21.48
N ASN B 8 9.61 -6.56 -20.25
CA ASN B 8 10.92 -6.34 -19.55
C ASN B 8 12.08 -6.72 -20.49
N TYR B 9 11.87 -7.74 -21.34
CA TYR B 9 12.91 -8.23 -22.30
C TYR B 9 13.18 -7.16 -23.37
N ALA B 10 12.13 -6.65 -24.04
CA ALA B 10 12.21 -5.59 -25.06
C ALA B 10 12.92 -4.35 -24.49
N ARG B 11 12.49 -3.89 -23.31
CA ARG B 11 13.07 -2.71 -22.62
C ARG B 11 14.54 -2.96 -22.30
N GLU B 12 14.87 -4.02 -21.55
CA GLU B 12 16.26 -4.34 -21.12
C GLU B 12 17.16 -4.41 -22.36
N LEU B 13 16.65 -5.03 -23.44
CA LEU B 13 17.36 -5.19 -24.74
C LEU B 13 17.71 -3.81 -25.30
N LYS B 14 16.73 -2.90 -25.36
CA LYS B 14 16.97 -1.48 -25.74
C LYS B 14 18.10 -0.94 -24.86
N ARG B 15 17.91 -0.90 -23.54
CA ARG B 15 18.90 -0.37 -22.56
C ARG B 15 20.29 -0.91 -22.88
N GLU B 16 20.40 -2.24 -22.97
CA GLU B 16 21.70 -2.96 -22.97
C GLU B 16 22.50 -2.61 -24.25
N GLN B 17 21.83 -2.38 -25.38
CA GLN B 17 22.49 -2.03 -26.68
C GLN B 17 23.06 -0.61 -26.62
N GLU B 18 22.40 0.29 -25.89
CA GLU B 18 22.81 1.73 -25.80
C GLU B 18 24.07 1.84 -24.93
N GLU B 19 24.08 1.12 -23.80
CA GLU B 19 25.27 0.96 -22.91
C GLU B 19 26.46 0.47 -23.73
N ILE B 20 26.27 -0.63 -24.47
CA ILE B 20 27.32 -1.29 -25.31
C ILE B 20 27.89 -0.25 -26.27
N ILE B 21 27.03 0.58 -26.85
CA ILE B 21 27.45 1.65 -27.80
C ILE B 21 28.16 2.73 -27.01
N ARG B 22 27.49 3.31 -26.00
CA ARG B 22 27.96 4.53 -25.30
C ARG B 22 29.16 4.26 -24.40
N VAL B 23 29.17 3.16 -23.62
CA VAL B 23 30.26 2.86 -22.65
C VAL B 23 30.67 1.39 -22.79
N PRO B 24 31.22 1.01 -23.95
CA PRO B 24 31.66 -0.35 -24.21
C PRO B 24 32.66 -0.82 -23.14
N ASP B 25 33.55 0.10 -22.72
CA ASP B 25 34.64 -0.19 -21.75
C ASP B 25 34.04 -0.60 -20.40
N THR B 26 32.89 -0.05 -20.02
CA THR B 26 32.16 -0.42 -18.78
C THR B 26 31.55 -1.82 -18.95
N GLU B 27 30.99 -2.12 -20.13
CA GLU B 27 30.31 -3.42 -20.39
C GLU B 27 31.36 -4.53 -20.57
N ALA B 28 32.53 -4.22 -21.11
CA ALA B 28 33.70 -5.14 -21.13
C ALA B 28 34.06 -5.52 -19.69
N ALA B 29 34.21 -4.54 -18.79
CA ALA B 29 34.52 -4.76 -17.36
C ALA B 29 33.43 -5.65 -16.70
N GLU B 30 32.17 -5.54 -17.13
CA GLU B 30 31.06 -6.35 -16.59
C GLU B 30 31.29 -7.82 -16.92
N VAL B 31 31.81 -8.11 -18.12
CA VAL B 31 32.09 -9.50 -18.60
C VAL B 31 33.26 -10.06 -17.80
N ALA B 32 34.31 -9.26 -17.62
CA ALA B 32 35.47 -9.69 -16.80
C ALA B 32 34.95 -10.07 -15.39
N GLU B 33 34.07 -9.24 -14.82
CA GLU B 33 33.61 -9.39 -13.42
C GLU B 33 32.80 -10.68 -13.30
N ILE B 34 31.95 -10.94 -14.29
CA ILE B 34 31.10 -12.16 -14.34
C ILE B 34 32.00 -13.41 -14.41
N LEU B 35 32.93 -13.47 -15.35
CA LEU B 35 33.77 -14.67 -15.57
C LEU B 35 34.73 -14.82 -14.39
N ALA B 36 35.27 -13.73 -13.86
CA ALA B 36 36.21 -13.80 -12.72
C ALA B 36 35.52 -14.45 -11.51
N ARG B 37 34.19 -14.32 -11.37
CA ARG B 37 33.45 -14.87 -10.22
C ARG B 37 33.71 -16.37 -10.17
N TYR B 38 34.02 -16.97 -11.33
CA TYR B 38 34.21 -18.44 -11.48
C TYR B 38 35.70 -18.78 -11.54
N GLY B 39 36.53 -17.97 -10.88
CA GLY B 39 37.98 -18.16 -10.72
C GLY B 39 38.74 -17.99 -12.03
N ILE B 40 38.11 -17.56 -13.13
CA ILE B 40 38.79 -17.45 -14.44
C ILE B 40 39.70 -16.22 -14.37
N GLU B 41 40.89 -16.28 -14.99
CA GLU B 41 41.93 -15.22 -14.90
C GLU B 41 41.90 -14.36 -16.17
N PRO B 42 42.45 -13.13 -16.12
CA PRO B 42 42.46 -12.24 -17.29
C PRO B 42 42.99 -12.85 -18.60
N HIS B 43 44.13 -13.56 -18.52
CA HIS B 43 44.79 -14.19 -19.70
C HIS B 43 43.82 -15.19 -20.36
N GLU B 44 42.98 -15.85 -19.55
CA GLU B 44 41.97 -16.85 -19.98
C GLU B 44 40.77 -16.12 -20.60
N TYR B 45 40.17 -15.14 -19.92
CA TYR B 45 38.93 -14.47 -20.39
C TYR B 45 39.19 -13.21 -21.21
N GLY B 46 40.43 -12.70 -21.22
CA GLY B 46 40.78 -11.52 -22.03
C GLY B 46 40.34 -11.67 -23.48
N PRO B 47 40.81 -12.75 -24.15
CA PRO B 47 40.38 -13.07 -25.52
C PRO B 47 38.87 -13.22 -25.76
N VAL B 48 38.12 -13.73 -24.78
CA VAL B 48 36.63 -13.86 -24.86
C VAL B 48 36.03 -12.46 -24.92
N VAL B 49 36.41 -11.58 -23.98
CA VAL B 49 35.87 -10.20 -23.91
C VAL B 49 36.08 -9.58 -25.28
N ASN B 50 37.35 -9.55 -25.71
CA ASN B 50 37.86 -8.93 -26.96
C ASN B 50 37.09 -9.45 -28.18
N ALA B 51 36.69 -10.73 -28.21
CA ALA B 51 35.87 -11.36 -29.28
C ALA B 51 34.45 -10.78 -29.24
N LEU B 52 33.81 -10.77 -28.08
CA LEU B 52 32.43 -10.22 -27.87
C LEU B 52 32.38 -8.75 -28.34
N ARG B 53 33.44 -7.97 -28.06
CA ARG B 53 33.49 -6.52 -28.43
C ARG B 53 33.41 -6.37 -29.96
N LYS B 54 34.07 -7.25 -30.72
CA LYS B 54 34.08 -7.22 -32.21
C LYS B 54 32.69 -7.63 -32.77
N LYS B 55 31.77 -8.12 -31.92
CA LYS B 55 30.46 -8.70 -32.36
C LYS B 55 29.31 -8.09 -31.55
N PRO B 56 28.86 -6.86 -31.87
CA PRO B 56 27.78 -6.22 -31.12
C PRO B 56 26.52 -7.07 -30.86
N GLN B 57 26.05 -7.86 -31.84
CA GLN B 57 24.83 -8.69 -31.70
C GLN B 57 25.10 -9.81 -30.69
N ALA B 58 26.27 -10.45 -30.74
CA ALA B 58 26.65 -11.54 -29.80
C ALA B 58 26.71 -10.95 -28.39
N TRP B 59 27.41 -9.83 -28.27
CA TRP B 59 27.70 -9.11 -27.01
C TRP B 59 26.39 -8.76 -26.28
N LEU B 60 25.43 -8.21 -27.01
CA LEU B 60 24.09 -7.87 -26.48
C LEU B 60 23.45 -9.11 -25.84
N ASP B 61 23.43 -10.25 -26.57
CA ASP B 61 22.77 -11.50 -26.11
C ASP B 61 23.53 -12.06 -24.90
N PHE B 62 24.86 -12.01 -24.92
CA PHE B 62 25.73 -12.45 -23.80
C PHE B 62 25.35 -11.67 -22.54
N MET B 63 25.30 -10.33 -22.61
CA MET B 63 24.94 -9.44 -21.47
C MET B 63 23.52 -9.81 -21.01
N MET B 64 22.57 -10.03 -21.93
CA MET B 64 21.18 -10.38 -21.55
C MET B 64 21.25 -11.61 -20.64
N LYS B 65 22.00 -12.63 -21.04
CA LYS B 65 22.09 -13.94 -20.33
C LYS B 65 22.96 -13.87 -19.06
N PHE B 66 24.24 -13.53 -19.20
CA PHE B 66 25.25 -13.65 -18.11
C PHE B 66 25.12 -12.53 -17.06
N GLU B 67 24.66 -11.32 -17.43
CA GLU B 67 24.50 -10.16 -16.51
C GLU B 67 23.08 -10.19 -15.93
N LEU B 68 22.05 -10.30 -16.77
CA LEU B 68 20.63 -10.02 -16.42
C LEU B 68 19.81 -11.30 -16.24
N GLY B 69 20.40 -12.48 -16.43
CA GLY B 69 19.71 -13.78 -16.30
C GLY B 69 18.46 -13.90 -17.20
N LEU B 70 18.54 -13.40 -18.45
CA LEU B 70 17.40 -13.40 -19.41
C LEU B 70 17.80 -14.10 -20.71
N GLU B 71 16.99 -15.11 -21.09
CA GLU B 71 17.13 -15.93 -22.33
C GLU B 71 16.50 -15.19 -23.50
N LYS B 72 17.05 -15.38 -24.71
CA LYS B 72 16.42 -14.94 -25.98
C LYS B 72 15.26 -15.91 -26.27
N PRO B 73 14.00 -15.42 -26.39
CA PRO B 73 12.81 -16.28 -26.54
C PRO B 73 12.83 -17.36 -27.64
N ASP B 74 11.63 -17.87 -27.99
CA ASP B 74 11.39 -19.12 -28.80
C ASP B 74 11.61 -20.32 -27.86
N GLY C 1 26.72 0.95 -17.40
CA GLY C 1 26.95 0.77 -15.94
C GLY C 1 26.04 -0.27 -15.32
N SER C 2 26.13 -0.43 -14.00
CA SER C 2 25.23 -1.29 -13.18
C SER C 2 23.80 -0.76 -13.36
N HIS C 3 22.82 -1.51 -12.85
CA HIS C 3 21.37 -1.28 -13.10
C HIS C 3 20.67 -0.85 -11.80
N SER C 4 20.31 0.43 -11.70
CA SER C 4 19.68 1.05 -10.50
C SER C 4 18.20 1.38 -10.72
N GLU C 5 17.72 1.40 -11.97
CA GLU C 5 16.31 1.76 -12.30
C GLU C 5 15.37 0.79 -11.58
N ALA C 6 14.08 1.17 -11.49
CA ALA C 6 12.98 0.31 -10.98
C ALA C 6 13.04 -1.06 -11.67
N ASP C 7 13.25 -2.14 -10.89
CA ASP C 7 13.29 -3.53 -11.39
C ASP C 7 11.88 -3.91 -11.86
N ASN C 8 11.77 -5.01 -12.60
CA ASN C 8 10.49 -5.52 -13.16
C ASN C 8 9.41 -5.50 -12.06
N TYR C 9 9.78 -5.83 -10.81
CA TYR C 9 8.86 -5.90 -9.63
C TYR C 9 8.32 -4.51 -9.27
N ALA C 10 9.20 -3.55 -8.96
CA ALA C 10 8.77 -2.17 -8.60
C ALA C 10 7.95 -1.58 -9.77
N ARG C 11 8.33 -1.83 -11.02
CA ARG C 11 7.59 -1.35 -12.22
C ARG C 11 6.15 -1.87 -12.19
N GLU C 12 6.00 -3.20 -12.06
CA GLU C 12 4.70 -3.90 -12.15
C GLU C 12 3.85 -3.61 -10.89
N LEU C 13 4.49 -3.43 -9.73
CA LEU C 13 3.81 -3.07 -8.45
C LEU C 13 3.09 -1.73 -8.63
N LYS C 14 3.76 -0.75 -9.25
CA LYS C 14 3.14 0.53 -9.65
C LYS C 14 1.97 0.23 -10.59
N ARG C 15 2.21 -0.53 -11.65
CA ARG C 15 1.20 -0.75 -12.72
C ARG C 15 -0.04 -1.44 -12.12
N GLU C 16 0.18 -2.43 -11.25
CA GLU C 16 -0.92 -3.20 -10.61
C GLU C 16 -1.69 -2.27 -9.66
N GLN C 17 -0.98 -1.53 -8.79
CA GLN C 17 -1.56 -0.57 -7.80
C GLN C 17 -2.48 0.43 -8.51
N GLU C 18 -2.11 0.78 -9.75
CA GLU C 18 -2.80 1.81 -10.55
C GLU C 18 -4.09 1.20 -11.09
N GLU C 19 -3.97 0.06 -11.78
CA GLU C 19 -5.11 -0.69 -12.38
C GLU C 19 -6.14 -1.06 -11.30
N ILE C 20 -5.67 -1.51 -10.12
CA ILE C 20 -6.53 -1.94 -8.97
C ILE C 20 -7.47 -0.78 -8.62
N ILE C 21 -6.95 0.46 -8.59
CA ILE C 21 -7.72 1.68 -8.22
C ILE C 21 -8.48 2.19 -9.46
N ARG C 22 -7.85 2.21 -10.64
CA ARG C 22 -8.46 2.70 -11.91
C ARG C 22 -9.61 1.79 -12.39
N VAL C 23 -9.31 0.52 -12.69
CA VAL C 23 -10.24 -0.46 -13.36
C VAL C 23 -10.45 -1.66 -12.46
N PRO C 24 -11.02 -1.48 -11.24
CA PRO C 24 -11.06 -2.53 -10.24
C PRO C 24 -11.81 -3.76 -10.78
N ASP C 25 -12.80 -3.52 -11.64
CA ASP C 25 -13.68 -4.58 -12.23
C ASP C 25 -12.84 -5.53 -13.08
N THR C 26 -11.89 -5.01 -13.86
CA THR C 26 -11.01 -5.82 -14.76
C THR C 26 -10.08 -6.70 -13.91
N GLU C 27 -9.41 -6.07 -12.94
CA GLU C 27 -8.49 -6.72 -11.98
C GLU C 27 -9.24 -7.83 -11.24
N ALA C 28 -10.49 -7.59 -10.88
CA ALA C 28 -11.35 -8.61 -10.22
C ALA C 28 -11.58 -9.77 -11.18
N ALA C 29 -11.87 -9.47 -12.45
CA ALA C 29 -12.15 -10.47 -13.50
C ALA C 29 -10.91 -11.35 -13.72
N GLU C 30 -9.72 -10.77 -13.59
CA GLU C 30 -8.44 -11.51 -13.73
C GLU C 30 -8.36 -12.57 -12.62
N VAL C 31 -8.74 -12.21 -11.39
CA VAL C 31 -8.72 -13.14 -10.22
C VAL C 31 -9.73 -14.25 -10.49
N ALA C 32 -10.93 -13.88 -10.90
CA ALA C 32 -12.04 -14.84 -11.18
C ALA C 32 -11.58 -15.81 -12.27
N GLU C 33 -10.87 -15.31 -13.28
CA GLU C 33 -10.46 -16.12 -14.45
C GLU C 33 -9.42 -17.15 -14.00
N ILE C 34 -8.46 -16.73 -13.17
CA ILE C 34 -7.35 -17.60 -12.68
C ILE C 34 -7.91 -18.73 -11.82
N LEU C 35 -8.84 -18.42 -10.90
CA LEU C 35 -9.43 -19.46 -10.01
C LEU C 35 -10.23 -20.46 -10.86
N ALA C 36 -11.00 -19.95 -11.84
CA ALA C 36 -11.92 -20.75 -12.70
C ALA C 36 -11.11 -21.79 -13.48
N ARG C 37 -9.86 -21.47 -13.83
CA ARG C 37 -8.93 -22.42 -14.52
C ARG C 37 -8.85 -23.74 -13.73
N TYR C 38 -9.02 -23.70 -12.41
CA TYR C 38 -8.75 -24.83 -11.49
C TYR C 38 -10.06 -25.38 -10.95
N GLY C 39 -11.04 -25.54 -11.86
CA GLY C 39 -12.29 -26.29 -11.64
C GLY C 39 -13.26 -25.60 -10.69
N ILE C 40 -12.80 -24.58 -9.95
CA ILE C 40 -13.65 -23.88 -8.94
C ILE C 40 -14.79 -23.19 -9.70
N GLU C 41 -16.00 -23.26 -9.15
CA GLU C 41 -17.23 -22.77 -9.80
C GLU C 41 -17.55 -21.40 -9.24
N PRO C 42 -18.13 -20.53 -10.11
CA PRO C 42 -18.61 -19.20 -9.74
C PRO C 42 -19.18 -18.94 -8.35
N HIS C 43 -19.96 -19.86 -7.78
CA HIS C 43 -20.60 -19.66 -6.44
C HIS C 43 -19.55 -19.97 -5.35
N GLU C 44 -18.42 -20.56 -5.74
CA GLU C 44 -17.29 -20.87 -4.82
C GLU C 44 -16.22 -19.79 -4.93
N TYR C 45 -15.84 -19.34 -6.13
CA TYR C 45 -14.78 -18.29 -6.29
C TYR C 45 -15.37 -16.90 -5.96
N GLY C 46 -16.62 -16.63 -6.32
CA GLY C 46 -17.31 -15.36 -6.06
C GLY C 46 -16.88 -14.71 -4.75
N PRO C 47 -17.20 -15.30 -3.58
CA PRO C 47 -16.90 -14.66 -2.30
C PRO C 47 -15.40 -14.39 -2.05
N VAL C 48 -14.52 -15.17 -2.69
CA VAL C 48 -13.04 -14.98 -2.60
C VAL C 48 -12.65 -13.72 -3.36
N VAL C 49 -13.16 -13.57 -4.59
CA VAL C 49 -12.92 -12.38 -5.47
C VAL C 49 -13.35 -11.11 -4.73
N ASN C 50 -14.59 -11.08 -4.21
CA ASN C 50 -15.18 -9.92 -3.48
C ASN C 50 -14.32 -9.59 -2.25
N ALA C 51 -13.86 -10.61 -1.52
CA ALA C 51 -13.06 -10.43 -0.29
C ALA C 51 -11.75 -9.75 -0.66
N LEU C 52 -11.13 -10.16 -1.78
CA LEU C 52 -9.84 -9.57 -2.25
C LEU C 52 -10.08 -8.09 -2.55
N ARG C 53 -11.17 -7.75 -3.23
CA ARG C 53 -11.45 -6.36 -3.63
C ARG C 53 -11.29 -5.42 -2.43
N LYS C 54 -11.67 -5.88 -1.23
CA LYS C 54 -11.85 -5.03 -0.03
C LYS C 54 -10.53 -4.89 0.73
N LYS C 55 -9.52 -5.72 0.38
CA LYS C 55 -8.15 -5.72 0.96
C LYS C 55 -7.16 -5.47 -0.19
N PRO C 56 -7.06 -4.21 -0.66
CA PRO C 56 -6.20 -3.86 -1.80
C PRO C 56 -4.73 -4.32 -1.73
N GLN C 57 -4.12 -4.32 -0.54
CA GLN C 57 -2.72 -4.79 -0.33
C GLN C 57 -2.65 -6.28 -0.69
N ALA C 58 -3.51 -7.11 -0.09
CA ALA C 58 -3.66 -8.56 -0.39
C ALA C 58 -3.99 -8.77 -1.87
N TRP C 59 -4.85 -7.93 -2.44
CA TRP C 59 -5.32 -7.99 -3.84
C TRP C 59 -4.16 -7.73 -4.81
N LEU C 60 -3.39 -6.70 -4.50
CA LEU C 60 -2.10 -6.38 -5.16
C LEU C 60 -1.20 -7.62 -5.16
N ASP C 61 -0.85 -8.14 -3.97
CA ASP C 61 0.14 -9.25 -3.78
C ASP C 61 -0.29 -10.45 -4.63
N PHE C 62 -1.55 -10.86 -4.48
CA PHE C 62 -2.17 -12.00 -5.20
C PHE C 62 -1.79 -11.94 -6.69
N MET C 63 -2.03 -10.79 -7.32
CA MET C 63 -1.86 -10.58 -8.78
C MET C 63 -0.37 -10.47 -9.14
N MET C 64 0.45 -9.96 -8.23
CA MET C 64 1.91 -10.00 -8.44
C MET C 64 2.29 -11.48 -8.56
N LYS C 65 1.88 -12.30 -7.59
CA LYS C 65 2.23 -13.74 -7.51
C LYS C 65 1.68 -14.45 -8.73
N PHE C 66 0.35 -14.47 -8.87
CA PHE C 66 -0.40 -15.53 -9.59
C PHE C 66 -0.76 -15.09 -11.01
N GLU C 67 -0.74 -13.78 -11.28
CA GLU C 67 -0.98 -13.21 -12.63
C GLU C 67 0.37 -13.02 -13.32
N LEU C 68 1.36 -12.49 -12.59
CA LEU C 68 2.66 -12.04 -13.16
C LEU C 68 3.79 -12.99 -12.75
N GLY C 69 3.55 -13.89 -11.80
CA GLY C 69 4.57 -14.84 -11.33
C GLY C 69 5.77 -14.11 -10.75
N LEU C 70 5.53 -13.16 -9.85
CA LEU C 70 6.61 -12.35 -9.22
C LEU C 70 6.53 -12.48 -7.70
N GLU C 71 7.68 -12.71 -7.06
CA GLU C 71 7.77 -13.03 -5.61
C GLU C 71 8.03 -11.73 -4.83
N LYS C 72 7.20 -11.49 -3.82
CA LYS C 72 7.18 -10.30 -2.92
C LYS C 72 8.40 -10.32 -1.98
N PRO C 73 9.29 -9.30 -2.00
CA PRO C 73 10.33 -9.16 -0.98
C PRO C 73 9.76 -8.97 0.44
N GLY D 1 24.81 -34.83 -18.17
CA GLY D 1 23.82 -34.97 -19.26
C GLY D 1 22.80 -33.84 -19.31
N SER D 2 21.71 -34.07 -20.05
CA SER D 2 20.60 -33.10 -20.27
C SER D 2 19.48 -33.38 -19.29
N HIS D 3 18.90 -32.30 -18.77
CA HIS D 3 17.70 -32.27 -17.89
C HIS D 3 16.60 -31.54 -18.69
N SER D 4 15.33 -31.60 -18.28
CA SER D 4 14.22 -30.89 -18.97
C SER D 4 13.21 -30.32 -17.96
N GLU D 5 12.52 -29.23 -18.35
CA GLU D 5 11.24 -28.80 -17.70
C GLU D 5 10.30 -30.01 -17.62
N ALA D 6 10.33 -30.90 -18.64
CA ALA D 6 9.61 -32.20 -18.72
C ALA D 6 9.97 -33.09 -17.52
N ASP D 7 11.28 -33.36 -17.33
CA ASP D 7 11.83 -34.22 -16.25
C ASP D 7 11.32 -33.73 -14.88
N ASN D 8 11.68 -32.48 -14.55
CA ASN D 8 11.49 -31.88 -13.21
C ASN D 8 9.99 -31.76 -12.91
N TYR D 9 9.17 -31.30 -13.87
CA TYR D 9 7.71 -31.14 -13.68
C TYR D 9 7.12 -32.49 -13.31
N ALA D 10 7.46 -33.51 -14.12
CA ALA D 10 7.04 -34.91 -13.92
C ALA D 10 7.48 -35.38 -12.53
N ARG D 11 8.66 -34.95 -12.07
CA ARG D 11 9.25 -35.38 -10.76
C ARG D 11 8.34 -34.88 -9.64
N GLU D 12 8.09 -33.57 -9.60
CA GLU D 12 7.29 -32.90 -8.54
C GLU D 12 5.85 -33.44 -8.63
N LEU D 13 5.33 -33.65 -9.85
CA LEU D 13 3.92 -34.11 -10.06
C LEU D 13 3.67 -35.39 -9.26
N LYS D 14 4.55 -36.38 -9.42
CA LYS D 14 4.36 -37.73 -8.83
C LYS D 14 4.39 -37.54 -7.31
N ARG D 15 5.46 -36.88 -6.84
CA ARG D 15 5.69 -36.50 -5.41
C ARG D 15 4.39 -35.90 -4.85
N GLU D 16 3.70 -35.04 -5.62
CA GLU D 16 2.51 -34.29 -5.13
C GLU D 16 1.28 -35.21 -5.17
N GLN D 17 1.21 -36.12 -6.14
CA GLN D 17 0.08 -37.07 -6.30
C GLN D 17 0.13 -38.14 -5.18
N GLU D 18 1.33 -38.57 -4.80
CA GLU D 18 1.51 -39.55 -3.69
C GLU D 18 1.12 -38.85 -2.38
N GLU D 19 1.50 -37.58 -2.20
CA GLU D 19 1.17 -36.77 -0.99
C GLU D 19 -0.36 -36.68 -0.83
N ILE D 20 -1.11 -36.58 -1.92
CA ILE D 20 -2.60 -36.43 -1.91
C ILE D 20 -3.26 -37.75 -1.47
N ILE D 21 -2.68 -38.86 -1.94
CA ILE D 21 -3.17 -40.23 -1.63
C ILE D 21 -2.85 -40.54 -0.17
N ARG D 22 -1.63 -40.20 0.27
CA ARG D 22 -1.10 -40.58 1.61
C ARG D 22 -1.69 -39.67 2.70
N VAL D 23 -1.53 -38.35 2.57
CA VAL D 23 -1.88 -37.34 3.63
C VAL D 23 -2.77 -36.29 2.98
N PRO D 24 -3.98 -36.70 2.54
CA PRO D 24 -4.94 -35.76 1.95
C PRO D 24 -5.19 -34.55 2.84
N ASP D 25 -5.32 -34.78 4.15
CA ASP D 25 -5.66 -33.72 5.12
C ASP D 25 -4.59 -32.61 5.13
N THR D 26 -3.29 -32.96 5.05
CA THR D 26 -2.20 -31.96 5.16
C THR D 26 -2.09 -31.23 3.80
N GLU D 27 -2.41 -31.90 2.71
CA GLU D 27 -2.45 -31.29 1.34
C GLU D 27 -3.64 -30.33 1.21
N ALA D 28 -4.78 -30.66 1.82
CA ALA D 28 -5.92 -29.72 2.01
C ALA D 28 -5.49 -28.53 2.88
N ALA D 29 -4.75 -28.75 3.96
CA ALA D 29 -4.36 -27.66 4.89
C ALA D 29 -3.44 -26.69 4.15
N GLU D 30 -2.63 -27.21 3.23
CA GLU D 30 -1.69 -26.41 2.40
C GLU D 30 -2.48 -25.41 1.54
N VAL D 31 -3.59 -25.83 0.95
CA VAL D 31 -4.44 -24.92 0.11
C VAL D 31 -4.99 -23.79 1.01
N ALA D 32 -5.62 -24.16 2.12
CA ALA D 32 -6.13 -23.23 3.15
C ALA D 32 -5.03 -22.20 3.47
N GLU D 33 -3.85 -22.67 3.89
CA GLU D 33 -2.73 -21.82 4.41
C GLU D 33 -2.36 -20.81 3.33
N ILE D 34 -2.25 -21.28 2.09
CA ILE D 34 -1.90 -20.44 0.90
C ILE D 34 -2.94 -19.31 0.77
N LEU D 35 -4.23 -19.61 0.86
CA LEU D 35 -5.32 -18.60 0.73
C LEU D 35 -5.38 -17.73 1.99
N ALA D 36 -5.26 -18.34 3.17
CA ALA D 36 -5.25 -17.62 4.47
C ALA D 36 -4.15 -16.56 4.45
N ARG D 37 -3.08 -16.78 3.69
CA ARG D 37 -1.94 -15.84 3.54
C ARG D 37 -2.41 -14.52 2.89
N TYR D 38 -3.55 -14.51 2.20
CA TYR D 38 -4.06 -13.31 1.47
C TYR D 38 -5.29 -12.74 2.18
N GLY D 39 -5.47 -13.09 3.46
CA GLY D 39 -6.49 -12.52 4.36
C GLY D 39 -7.87 -13.19 4.23
N ILE D 40 -7.97 -14.28 3.46
CA ILE D 40 -9.27 -14.99 3.25
C ILE D 40 -9.53 -15.88 4.48
N GLU D 41 -10.72 -15.76 5.07
CA GLU D 41 -11.14 -16.43 6.31
C GLU D 41 -11.77 -17.78 5.98
N PRO D 42 -11.81 -18.73 6.94
CA PRO D 42 -12.38 -20.06 6.69
C PRO D 42 -13.69 -20.11 5.89
N HIS D 43 -14.70 -19.32 6.27
CA HIS D 43 -16.05 -19.36 5.64
C HIS D 43 -15.91 -19.04 4.15
N GLU D 44 -14.90 -18.24 3.79
CA GLU D 44 -14.62 -17.80 2.41
C GLU D 44 -13.78 -18.85 1.66
N TYR D 45 -12.77 -19.48 2.27
CA TYR D 45 -11.89 -20.44 1.54
C TYR D 45 -12.42 -21.89 1.62
N GLY D 46 -13.15 -22.24 2.68
CA GLY D 46 -13.67 -23.61 2.88
C GLY D 46 -14.33 -24.19 1.63
N PRO D 47 -15.36 -23.52 1.07
CA PRO D 47 -16.05 -24.06 -0.12
C PRO D 47 -15.07 -24.40 -1.27
N VAL D 48 -14.03 -23.59 -1.46
CA VAL D 48 -13.08 -23.77 -2.61
C VAL D 48 -12.18 -24.98 -2.30
N VAL D 49 -11.71 -25.09 -1.05
CA VAL D 49 -10.88 -26.26 -0.61
C VAL D 49 -11.75 -27.50 -0.78
N ASN D 50 -13.00 -27.46 -0.27
CA ASN D 50 -13.96 -28.59 -0.41
C ASN D 50 -14.08 -28.93 -1.89
N ALA D 51 -14.30 -27.93 -2.74
CA ALA D 51 -14.48 -28.14 -4.19
C ALA D 51 -13.25 -28.88 -4.71
N LEU D 52 -12.06 -28.40 -4.33
CA LEU D 52 -10.76 -28.90 -4.86
C LEU D 52 -10.53 -30.36 -4.46
N ARG D 53 -11.01 -30.75 -3.28
CA ARG D 53 -10.89 -32.13 -2.75
C ARG D 53 -11.77 -33.07 -3.55
N LYS D 54 -12.97 -32.62 -3.95
CA LYS D 54 -13.88 -33.42 -4.81
C LYS D 54 -13.35 -33.54 -6.25
N LYS D 55 -12.22 -32.89 -6.59
CA LYS D 55 -11.61 -32.89 -7.95
C LYS D 55 -10.12 -33.17 -7.87
N PRO D 56 -9.69 -34.44 -7.70
CA PRO D 56 -8.27 -34.80 -7.71
C PRO D 56 -7.38 -34.06 -8.71
N GLN D 57 -7.73 -34.05 -9.99
CA GLN D 57 -6.84 -33.51 -11.04
C GLN D 57 -6.70 -32.00 -10.82
N ALA D 58 -7.78 -31.31 -10.47
CA ALA D 58 -7.74 -29.84 -10.26
C ALA D 58 -6.93 -29.53 -9.00
N TRP D 59 -7.15 -30.31 -7.93
CA TRP D 59 -6.43 -30.20 -6.64
C TRP D 59 -4.93 -30.22 -6.95
N LEU D 60 -4.50 -31.25 -7.68
CA LEU D 60 -3.08 -31.49 -8.07
C LEU D 60 -2.58 -30.25 -8.84
N ASP D 61 -3.25 -29.88 -9.94
CA ASP D 61 -2.84 -28.75 -10.81
C ASP D 61 -2.71 -27.50 -9.94
N PHE D 62 -3.67 -27.26 -9.04
CA PHE D 62 -3.69 -26.03 -8.22
C PHE D 62 -2.38 -25.96 -7.44
N MET D 63 -2.03 -27.06 -6.73
CA MET D 63 -0.85 -27.15 -5.84
C MET D 63 0.45 -27.08 -6.64
N MET D 64 0.51 -27.74 -7.80
CA MET D 64 1.66 -27.60 -8.74
C MET D 64 1.96 -26.11 -8.97
N LYS D 65 0.95 -25.26 -9.21
CA LYS D 65 1.16 -23.83 -9.56
C LYS D 65 1.28 -22.93 -8.33
N PHE D 66 0.35 -23.02 -7.38
CA PHE D 66 0.23 -22.05 -6.26
C PHE D 66 1.14 -22.43 -5.08
N GLU D 67 1.46 -23.72 -4.91
CA GLU D 67 2.39 -24.22 -3.86
C GLU D 67 3.80 -24.24 -4.48
N LEU D 68 3.99 -24.91 -5.62
CA LEU D 68 5.32 -25.22 -6.23
C LEU D 68 5.67 -24.21 -7.34
N GLY D 69 4.73 -23.38 -7.78
CA GLY D 69 5.02 -22.37 -8.82
C GLY D 69 5.68 -22.98 -10.05
N LEU D 70 5.10 -24.04 -10.62
CA LEU D 70 5.52 -24.62 -11.92
C LEU D 70 4.40 -24.41 -12.93
N GLU D 71 4.71 -24.38 -14.24
CA GLU D 71 3.79 -24.00 -15.33
C GLU D 71 3.21 -25.24 -16.03
N LYS D 72 3.96 -25.85 -16.95
CA LYS D 72 3.48 -26.78 -18.01
C LYS D 72 3.52 -26.05 -19.37
N GLY E 1 -19.74 30.34 30.84
CA GLY E 1 -18.77 30.94 29.88
C GLY E 1 -18.60 30.10 28.63
N SER E 2 -18.29 30.77 27.50
CA SER E 2 -18.19 30.21 26.13
C SER E 2 -16.76 29.73 25.87
N HIS E 3 -16.62 28.65 25.09
CA HIS E 3 -15.32 28.14 24.58
C HIS E 3 -15.31 28.22 23.05
N SER E 4 -14.53 29.11 22.43
CA SER E 4 -14.59 29.40 20.96
C SER E 4 -13.43 28.77 20.20
N GLU E 5 -13.70 28.37 18.96
CA GLU E 5 -12.72 27.92 17.94
C GLU E 5 -11.56 28.94 17.90
N ALA E 6 -11.82 30.24 18.07
CA ALA E 6 -10.81 31.32 18.05
C ALA E 6 -9.96 31.29 19.32
N ASP E 7 -10.57 30.94 20.46
CA ASP E 7 -9.87 30.86 21.78
C ASP E 7 -9.11 29.54 21.94
N ASN E 8 -9.59 28.45 21.32
CA ASN E 8 -8.84 27.16 21.24
C ASN E 8 -7.54 27.43 20.50
N TYR E 9 -7.63 28.06 19.32
CA TYR E 9 -6.48 28.32 18.42
C TYR E 9 -5.47 29.21 19.13
N ALA E 10 -5.93 30.30 19.76
CA ALA E 10 -5.06 31.30 20.45
C ALA E 10 -4.29 30.64 21.61
N ARG E 11 -4.86 29.61 22.25
CA ARG E 11 -4.26 28.89 23.40
C ARG E 11 -3.13 27.98 22.87
N GLU E 12 -3.45 27.11 21.90
CA GLU E 12 -2.48 26.21 21.23
C GLU E 12 -1.32 27.06 20.67
N LEU E 13 -1.64 28.06 19.81
CA LEU E 13 -0.70 29.05 19.20
C LEU E 13 0.27 29.59 20.28
N LYS E 14 -0.26 29.98 21.44
CA LYS E 14 0.54 30.59 22.55
C LYS E 14 1.57 29.56 23.04
N ARG E 15 1.12 28.32 23.27
CA ARG E 15 1.94 27.22 23.86
C ARG E 15 3.00 26.80 22.84
N GLU E 16 2.64 26.75 21.56
CA GLU E 16 3.60 26.36 20.50
C GLU E 16 4.72 27.40 20.46
N GLN E 17 4.35 28.67 20.32
CA GLN E 17 5.32 29.78 20.24
C GLN E 17 6.31 29.69 21.40
N GLU E 18 5.84 29.38 22.61
CA GLU E 18 6.67 29.21 23.82
C GLU E 18 7.65 28.04 23.61
N GLU E 19 7.16 26.87 23.17
CA GLU E 19 8.01 25.68 22.93
C GLU E 19 9.13 26.03 21.92
N ILE E 20 8.78 26.68 20.80
CA ILE E 20 9.75 27.10 19.74
C ILE E 20 10.91 27.89 20.39
N ILE E 21 10.62 28.66 21.44
CA ILE E 21 11.64 29.47 22.17
C ILE E 21 12.42 28.54 23.11
N ARG E 22 11.74 27.71 23.89
CA ARG E 22 12.39 26.90 24.96
C ARG E 22 13.01 25.59 24.40
N VAL E 23 12.41 24.90 23.40
CA VAL E 23 12.99 23.62 22.88
C VAL E 23 13.02 23.61 21.35
N PRO E 24 13.74 24.55 20.72
CA PRO E 24 13.68 24.69 19.28
C PRO E 24 13.95 23.37 18.54
N ASP E 25 14.98 22.65 18.98
CA ASP E 25 15.48 21.44 18.28
C ASP E 25 14.42 20.34 18.34
N THR E 26 13.62 20.29 19.42
CA THR E 26 12.56 19.26 19.57
C THR E 26 11.42 19.59 18.59
N GLU E 27 11.09 20.89 18.48
CA GLU E 27 10.05 21.43 17.56
C GLU E 27 10.51 21.26 16.10
N ALA E 28 11.81 21.39 15.83
CA ALA E 28 12.41 21.01 14.54
C ALA E 28 12.26 19.52 14.32
N ALA E 29 12.57 18.72 15.35
CA ALA E 29 12.49 17.24 15.26
C ALA E 29 11.06 16.84 14.88
N GLU E 30 10.08 17.61 15.34
CA GLU E 30 8.65 17.32 15.08
C GLU E 30 8.39 17.41 13.56
N VAL E 31 8.94 18.45 12.93
CA VAL E 31 8.82 18.66 11.46
C VAL E 31 9.54 17.51 10.74
N ALA E 32 10.77 17.18 11.13
CA ALA E 32 11.51 16.05 10.53
C ALA E 32 10.62 14.81 10.56
N GLU E 33 10.00 14.59 11.72
CA GLU E 33 9.24 13.36 12.03
C GLU E 33 8.05 13.32 11.08
N ILE E 34 7.35 14.45 10.95
CA ILE E 34 6.14 14.56 10.12
C ILE E 34 6.46 14.19 8.67
N LEU E 35 7.48 14.83 8.11
CA LEU E 35 7.85 14.64 6.68
C LEU E 35 8.43 13.24 6.46
N ALA E 36 9.22 12.74 7.39
CA ALA E 36 9.78 11.36 7.33
C ALA E 36 8.64 10.32 7.23
N ARG E 37 7.46 10.57 7.81
CA ARG E 37 6.27 9.68 7.64
C ARG E 37 5.99 9.41 6.16
N TYR E 38 6.35 10.31 5.25
CA TYR E 38 5.97 10.19 3.81
C TYR E 38 7.20 9.80 2.96
N GLY E 39 8.17 9.12 3.57
CA GLY E 39 9.28 8.48 2.85
C GLY E 39 10.27 9.50 2.31
N ILE E 40 10.34 10.68 2.96
CA ILE E 40 11.26 11.77 2.54
C ILE E 40 12.58 11.64 3.30
N GLU E 41 13.70 11.46 2.58
CA GLU E 41 15.04 11.20 3.15
C GLU E 41 15.56 12.48 3.81
N PRO E 42 16.32 12.37 4.92
CA PRO E 42 16.77 13.54 5.65
C PRO E 42 17.40 14.61 4.74
N HIS E 43 18.23 14.21 3.77
CA HIS E 43 18.93 15.18 2.89
C HIS E 43 17.88 15.99 2.10
N GLU E 44 16.69 15.40 1.91
CA GLU E 44 15.56 15.97 1.13
C GLU E 44 14.65 16.84 1.98
N TYR E 45 14.47 16.56 3.28
CA TYR E 45 13.61 17.38 4.18
C TYR E 45 14.46 18.40 4.98
N GLY E 46 15.75 18.19 5.11
CA GLY E 46 16.64 19.03 5.94
C GLY E 46 16.57 20.50 5.55
N PRO E 47 16.62 20.84 4.25
CA PRO E 47 16.53 22.25 3.84
C PRO E 47 15.17 22.89 4.21
N VAL E 48 14.10 22.09 4.12
CA VAL E 48 12.72 22.52 4.48
C VAL E 48 12.70 22.83 5.97
N VAL E 49 13.22 21.90 6.78
CA VAL E 49 13.28 22.03 8.25
C VAL E 49 14.04 23.31 8.56
N ASN E 50 15.18 23.51 7.87
CA ASN E 50 16.11 24.65 8.09
C ASN E 50 15.39 25.95 7.70
N ALA E 51 14.67 25.92 6.58
CA ALA E 51 13.97 27.11 6.05
C ALA E 51 12.95 27.61 7.07
N LEU E 52 12.25 26.67 7.72
CA LEU E 52 11.19 26.95 8.74
C LEU E 52 11.85 27.59 9.95
N ARG E 53 13.01 27.11 10.36
CA ARG E 53 13.57 27.56 11.65
C ARG E 53 13.93 29.04 11.48
N LYS E 54 14.38 29.39 10.28
CA LYS E 54 14.87 30.76 10.01
C LYS E 54 13.66 31.69 9.93
N LYS E 55 12.44 31.16 9.80
CA LYS E 55 11.20 31.95 9.60
C LYS E 55 10.20 31.54 10.69
N PRO E 56 10.40 31.98 11.94
CA PRO E 56 9.64 31.42 13.07
C PRO E 56 8.11 31.48 12.92
N GLN E 57 7.57 32.48 12.21
CA GLN E 57 6.09 32.61 12.05
C GLN E 57 5.58 31.43 11.20
N ALA E 58 6.24 31.17 10.06
CA ALA E 58 5.99 30.03 9.17
C ALA E 58 6.12 28.72 9.96
N TRP E 59 7.16 28.63 10.77
CA TRP E 59 7.43 27.46 11.63
C TRP E 59 6.20 27.21 12.50
N LEU E 60 5.70 28.28 13.13
CA LEU E 60 4.58 28.24 14.10
C LEU E 60 3.31 27.75 13.37
N ASP E 61 3.00 28.37 12.23
CA ASP E 61 1.84 27.98 11.39
C ASP E 61 2.00 26.52 10.94
N PHE E 62 3.21 26.13 10.50
CA PHE E 62 3.49 24.74 10.07
C PHE E 62 3.10 23.79 11.20
N MET E 63 3.58 24.05 12.43
CA MET E 63 3.32 23.19 13.61
C MET E 63 1.80 23.09 13.79
N MET E 64 1.14 24.26 13.84
CA MET E 64 -0.31 24.40 14.13
C MET E 64 -1.11 23.43 13.24
N LYS E 65 -0.91 23.49 11.93
CA LYS E 65 -1.68 22.68 10.96
C LYS E 65 -1.15 21.24 11.04
N PHE E 66 0.13 21.02 10.74
CA PHE E 66 0.70 19.69 10.42
C PHE E 66 0.75 18.81 11.69
N GLU E 67 1.05 19.40 12.86
CA GLU E 67 1.27 18.65 14.13
C GLU E 67 -0.06 18.61 14.90
N LEU E 68 -0.72 19.76 15.00
CA LEU E 68 -1.91 19.91 15.87
C LEU E 68 -3.22 19.79 15.06
N GLY E 69 -3.15 19.79 13.72
CA GLY E 69 -4.34 19.62 12.87
C GLY E 69 -5.29 20.79 13.03
N LEU E 70 -4.78 22.01 13.26
CA LEU E 70 -5.60 23.22 13.47
C LEU E 70 -5.46 24.17 12.29
N GLU E 71 -6.62 24.59 11.76
CA GLU E 71 -6.74 25.64 10.71
C GLU E 71 -6.91 26.98 11.43
N LYS E 72 -6.37 28.06 10.84
CA LYS E 72 -6.54 29.45 11.34
C LYS E 72 -8.02 29.83 11.20
N PRO E 73 -8.73 30.20 12.28
CA PRO E 73 -10.03 30.85 12.14
C PRO E 73 -9.91 32.23 11.46
N ASP E 74 -10.91 32.63 10.65
CA ASP E 74 -10.95 33.88 9.85
C ASP E 74 -11.74 34.95 10.62
N GLY F 1 -29.78 5.01 4.76
CA GLY F 1 -28.78 4.10 5.37
C GLY F 1 -27.62 4.87 5.99
N SER F 2 -26.68 4.14 6.60
CA SER F 2 -25.56 4.70 7.40
C SER F 2 -24.41 5.13 6.47
N HIS F 3 -23.60 6.10 6.92
CA HIS F 3 -22.47 6.69 6.17
C HIS F 3 -21.14 6.28 6.82
N SER F 4 -20.26 5.67 6.02
CA SER F 4 -19.01 5.03 6.48
C SER F 4 -17.81 5.96 6.28
N GLU F 5 -17.14 6.27 7.40
CA GLU F 5 -15.84 6.99 7.48
C GLU F 5 -14.86 6.41 6.45
N ALA F 6 -14.67 5.09 6.50
CA ALA F 6 -13.77 4.30 5.63
C ALA F 6 -14.18 4.46 4.16
N ASP F 7 -15.49 4.42 3.89
CA ASP F 7 -16.07 4.58 2.52
C ASP F 7 -15.73 5.97 1.99
N ASN F 8 -16.02 7.03 2.77
CA ASN F 8 -15.76 8.44 2.40
C ASN F 8 -14.28 8.56 2.05
N TYR F 9 -13.42 8.05 2.93
CA TYR F 9 -11.94 8.07 2.75
C TYR F 9 -11.61 7.45 1.39
N ALA F 10 -12.01 6.19 1.21
CA ALA F 10 -11.73 5.39 -0.01
C ALA F 10 -12.18 6.16 -1.27
N ARG F 11 -13.31 6.89 -1.21
CA ARG F 11 -13.81 7.66 -2.39
C ARG F 11 -12.89 8.85 -2.66
N GLU F 12 -12.49 9.55 -1.59
CA GLU F 12 -11.51 10.67 -1.68
C GLU F 12 -10.19 10.14 -2.25
N LEU F 13 -9.76 8.94 -1.81
CA LEU F 13 -8.56 8.22 -2.32
C LEU F 13 -8.67 8.03 -3.84
N LYS F 14 -9.79 7.45 -4.28
CA LYS F 14 -10.06 7.10 -5.70
C LYS F 14 -9.88 8.38 -6.53
N ARG F 15 -10.65 9.42 -6.21
CA ARG F 15 -10.64 10.69 -6.98
C ARG F 15 -9.20 11.21 -7.07
N GLU F 16 -8.48 11.17 -5.95
CA GLU F 16 -7.17 11.85 -5.82
C GLU F 16 -6.18 11.13 -6.74
N GLN F 17 -6.01 9.81 -6.60
CA GLN F 17 -5.04 9.16 -7.51
C GLN F 17 -5.40 9.52 -8.95
N GLU F 18 -6.61 9.20 -9.41
CA GLU F 18 -6.98 9.43 -10.83
C GLU F 18 -6.38 10.77 -11.26
N GLU F 19 -6.38 11.79 -10.40
CA GLU F 19 -5.69 13.07 -10.68
C GLU F 19 -4.20 12.78 -10.85
N ILE F 20 -3.58 12.09 -9.88
CA ILE F 20 -2.13 11.72 -9.88
C ILE F 20 -1.77 11.09 -11.22
N ILE F 21 -2.64 10.20 -11.71
CA ILE F 21 -2.51 9.48 -13.01
C ILE F 21 -2.73 10.45 -14.18
N ARG F 22 -3.79 11.25 -14.19
CA ARG F 22 -4.22 12.01 -15.39
C ARG F 22 -3.49 13.36 -15.47
N VAL F 23 -3.32 14.04 -14.34
CA VAL F 23 -2.66 15.39 -14.26
C VAL F 23 -1.61 15.36 -13.15
N PRO F 24 -0.62 14.45 -13.24
CA PRO F 24 0.41 14.35 -12.21
C PRO F 24 1.03 15.73 -11.95
N ASP F 25 1.33 16.48 -13.01
CA ASP F 25 2.07 17.78 -12.96
C ASP F 25 1.27 18.78 -12.14
N THR F 26 -0.05 18.82 -12.32
CA THR F 26 -0.99 19.65 -11.53
C THR F 26 -0.95 19.23 -10.06
N GLU F 27 -0.94 17.92 -9.81
CA GLU F 27 -0.91 17.35 -8.43
C GLU F 27 0.47 17.59 -7.78
N ALA F 28 1.53 17.61 -8.57
CA ALA F 28 2.88 18.02 -8.13
C ALA F 28 2.86 19.50 -7.73
N ALA F 29 2.26 20.37 -8.54
CA ALA F 29 2.22 21.84 -8.33
C ALA F 29 1.44 22.16 -7.04
N GLU F 30 0.48 21.31 -6.70
CA GLU F 30 -0.34 21.50 -5.48
C GLU F 30 0.54 21.29 -4.25
N VAL F 31 1.43 20.29 -4.30
CA VAL F 31 2.36 20.01 -3.17
C VAL F 31 3.27 21.23 -3.03
N ALA F 32 3.80 21.69 -4.15
CA ALA F 32 4.71 22.85 -4.25
C ALA F 32 4.06 24.04 -3.57
N GLU F 33 2.79 24.28 -3.88
CA GLU F 33 2.08 25.53 -3.50
C GLU F 33 1.86 25.47 -2.00
N ILE F 34 1.57 24.29 -1.48
CA ILE F 34 1.30 24.11 -0.02
C ILE F 34 2.59 24.43 0.74
N LEU F 35 3.74 23.97 0.26
CA LEU F 35 5.04 24.20 0.96
C LEU F 35 5.45 25.66 0.76
N ALA F 36 5.23 26.19 -0.44
CA ALA F 36 5.59 27.56 -0.81
C ALA F 36 4.87 28.57 0.09
N ARG F 37 3.74 28.19 0.70
CA ARG F 37 2.94 29.09 1.59
C ARG F 37 3.81 29.50 2.78
N TYR F 38 4.72 28.63 3.21
CA TYR F 38 5.53 28.80 4.44
C TYR F 38 6.87 29.43 4.08
N GLY F 39 7.01 29.96 2.87
CA GLY F 39 8.17 30.78 2.48
C GLY F 39 9.35 29.91 2.06
N ILE F 40 9.04 28.65 1.70
CA ILE F 40 10.06 27.68 1.21
C ILE F 40 10.22 27.90 -0.31
N GLU F 41 11.47 27.92 -0.76
CA GLU F 41 11.84 28.27 -2.16
C GLU F 41 11.85 27.00 -2.98
N PRO F 42 11.64 27.13 -4.31
CA PRO F 42 11.66 25.99 -5.22
C PRO F 42 12.88 25.05 -5.16
N HIS F 43 14.05 25.53 -4.74
CA HIS F 43 15.24 24.64 -4.62
C HIS F 43 15.19 23.92 -3.27
N GLU F 44 14.43 24.45 -2.30
CA GLU F 44 14.27 23.82 -0.96
C GLU F 44 13.14 22.74 -1.02
N TYR F 45 12.03 23.00 -1.71
CA TYR F 45 10.86 22.08 -1.72
C TYR F 45 10.89 21.17 -2.96
N GLY F 46 11.54 21.60 -4.04
CA GLY F 46 11.51 20.90 -5.33
C GLY F 46 11.91 19.43 -5.18
N PRO F 47 13.00 19.14 -4.46
CA PRO F 47 13.41 17.75 -4.21
C PRO F 47 12.38 16.98 -3.37
N VAL F 48 11.62 17.67 -2.52
CA VAL F 48 10.58 17.00 -1.68
C VAL F 48 9.51 16.50 -2.63
N VAL F 49 9.05 17.42 -3.51
CA VAL F 49 7.98 17.17 -4.51
C VAL F 49 8.44 16.01 -5.38
N ASN F 50 9.72 16.04 -5.77
CA ASN F 50 10.32 15.02 -6.66
C ASN F 50 10.31 13.67 -5.93
N ALA F 51 10.70 13.64 -4.66
CA ALA F 51 10.77 12.43 -3.81
C ALA F 51 9.37 11.79 -3.71
N LEU F 52 8.31 12.62 -3.62
CA LEU F 52 6.91 12.13 -3.48
C LEU F 52 6.47 11.48 -4.80
N ARG F 53 6.80 12.13 -5.91
CA ARG F 53 6.53 11.65 -7.29
C ARG F 53 7.04 10.23 -7.49
N LYS F 54 8.23 9.92 -6.96
CA LYS F 54 8.91 8.61 -7.15
C LYS F 54 8.23 7.56 -6.25
N LYS F 55 7.53 7.99 -5.19
CA LYS F 55 6.86 7.11 -4.20
C LYS F 55 5.37 7.44 -4.20
N PRO F 56 4.64 7.09 -5.28
CA PRO F 56 3.24 7.49 -5.45
C PRO F 56 2.29 7.15 -4.30
N GLN F 57 2.52 6.06 -3.57
CA GLN F 57 1.68 5.71 -2.39
C GLN F 57 1.86 6.80 -1.32
N ALA F 58 3.11 7.16 -0.98
CA ALA F 58 3.41 8.29 -0.06
C ALA F 58 2.80 9.60 -0.61
N TRP F 59 2.99 9.86 -1.90
CA TRP F 59 2.44 11.05 -2.60
C TRP F 59 0.94 11.14 -2.33
N LEU F 60 0.24 10.04 -2.53
CA LEU F 60 -1.23 9.92 -2.39
C LEU F 60 -1.63 10.18 -0.93
N ASP F 61 -0.89 9.64 0.03
CA ASP F 61 -1.13 9.85 1.48
C ASP F 61 -0.93 11.33 1.82
N PHE F 62 0.15 11.93 1.33
CA PHE F 62 0.49 13.34 1.62
C PHE F 62 -0.69 14.23 1.25
N MET F 63 -1.05 14.20 -0.04
CA MET F 63 -2.19 14.99 -0.57
C MET F 63 -3.45 14.73 0.27
N MET F 64 -3.72 13.47 0.61
CA MET F 64 -4.91 13.13 1.44
C MET F 64 -4.87 13.95 2.73
N LYS F 65 -3.71 14.04 3.39
CA LYS F 65 -3.62 14.66 4.73
C LYS F 65 -3.53 16.18 4.63
N PHE F 66 -2.72 16.74 3.73
CA PHE F 66 -2.30 18.17 3.75
C PHE F 66 -3.07 18.99 2.70
N GLU F 67 -3.59 18.35 1.64
CA GLU F 67 -4.50 18.98 0.65
C GLU F 67 -5.94 18.82 1.14
N LEU F 68 -6.33 17.64 1.58
CA LEU F 68 -7.77 17.31 1.78
C LEU F 68 -8.10 17.20 3.27
N GLY F 69 -7.11 17.31 4.15
CA GLY F 69 -7.33 17.34 5.61
C GLY F 69 -8.06 16.10 6.09
N LEU F 70 -7.56 14.91 5.72
CA LEU F 70 -8.10 13.59 6.13
C LEU F 70 -6.95 12.77 6.72
N GLU F 71 -7.25 11.88 7.66
CA GLU F 71 -6.29 10.89 8.21
C GLU F 71 -6.88 9.49 8.03
N LYS F 72 -6.02 8.47 7.90
CA LYS F 72 -6.44 7.04 7.72
C LYS F 72 -7.29 6.61 8.91
N PRO F 73 -8.25 5.68 8.73
CA PRO F 73 -9.12 5.24 9.81
C PRO F 73 -8.48 4.29 10.84
N ASP F 74 -8.94 4.35 12.10
CA ASP F 74 -8.33 3.69 13.28
C ASP F 74 -9.45 3.17 14.20
N GLY G 1 7.70 19.34 23.02
CA GLY G 1 6.87 18.26 23.66
C GLY G 1 5.74 17.72 22.77
N SER G 2 5.11 16.63 23.21
CA SER G 2 3.97 15.97 22.54
C SER G 2 2.64 16.43 23.16
N HIS G 3 1.55 16.27 22.40
CA HIS G 3 0.16 16.69 22.77
C HIS G 3 -0.86 15.74 22.11
N SER G 4 -1.17 14.61 22.74
CA SER G 4 -2.01 13.55 22.11
C SER G 4 -3.46 14.01 22.08
N GLU G 5 -4.28 13.32 21.28
CA GLU G 5 -5.75 13.51 21.16
C GLU G 5 -6.37 13.25 22.55
N ALA G 6 -5.95 12.17 23.21
CA ALA G 6 -6.38 11.77 24.58
C ALA G 6 -6.00 12.87 25.57
N ASP G 7 -4.88 13.55 25.33
CA ASP G 7 -4.34 14.58 26.25
C ASP G 7 -5.26 15.80 26.18
N ASN G 8 -5.60 16.25 24.96
CA ASN G 8 -6.47 17.42 24.66
C ASN G 8 -7.89 17.13 25.17
N TYR G 9 -8.38 15.91 25.00
CA TYR G 9 -9.70 15.48 25.51
C TYR G 9 -9.74 15.71 27.04
N ALA G 10 -8.80 15.14 27.78
CA ALA G 10 -8.80 15.07 29.26
C ALA G 10 -8.81 16.46 29.89
N ARG G 11 -8.09 17.45 29.32
CA ARG G 11 -8.06 18.84 29.87
C ARG G 11 -9.38 19.56 29.55
N GLU G 12 -10.07 19.19 28.47
CA GLU G 12 -11.39 19.79 28.14
C GLU G 12 -12.46 19.14 29.04
N LEU G 13 -12.30 17.86 29.33
CA LEU G 13 -13.18 17.12 30.27
C LEU G 13 -13.16 17.86 31.62
N LYS G 14 -11.95 18.08 32.13
CA LYS G 14 -11.68 18.78 33.42
C LYS G 14 -12.37 20.15 33.41
N ARG G 15 -12.16 20.94 32.35
CA ARG G 15 -12.74 22.30 32.19
C ARG G 15 -14.27 22.19 32.34
N GLU G 16 -14.91 21.37 31.51
CA GLU G 16 -16.40 21.25 31.45
C GLU G 16 -16.92 20.71 32.78
N GLN G 17 -16.27 19.70 33.35
CA GLN G 17 -16.67 19.13 34.68
C GLN G 17 -16.71 20.26 35.69
N GLU G 18 -15.67 21.09 35.76
CA GLU G 18 -15.51 22.22 36.72
C GLU G 18 -16.69 23.18 36.54
N GLU G 19 -17.09 23.45 35.29
CA GLU G 19 -18.22 24.35 34.97
C GLU G 19 -19.53 23.73 35.50
N ILE G 20 -19.71 22.43 35.36
CA ILE G 20 -20.96 21.71 35.76
C ILE G 20 -21.16 21.83 37.29
N ILE G 21 -20.07 21.73 38.06
CA ILE G 21 -20.05 21.84 39.55
C ILE G 21 -20.31 23.30 39.99
N ARG G 22 -19.71 24.28 39.32
CA ARG G 22 -19.69 25.69 39.80
C ARG G 22 -20.85 26.49 39.20
N VAL G 23 -21.26 26.27 37.94
CA VAL G 23 -22.42 26.99 37.32
C VAL G 23 -23.38 25.99 36.70
N PRO G 24 -23.92 25.05 37.49
CA PRO G 24 -24.80 24.00 36.96
C PRO G 24 -25.98 24.46 36.10
N ASP G 25 -26.53 25.65 36.44
CA ASP G 25 -27.73 26.22 35.80
C ASP G 25 -27.37 26.71 34.41
N THR G 26 -26.18 27.29 34.25
CA THR G 26 -25.68 27.78 32.93
C THR G 26 -25.50 26.59 32.00
N GLU G 27 -24.79 25.56 32.45
CA GLU G 27 -24.50 24.34 31.64
C GLU G 27 -25.84 23.75 31.15
N ALA G 28 -26.87 23.77 31.99
CA ALA G 28 -28.19 23.21 31.66
C ALA G 28 -28.84 24.05 30.55
N ALA G 29 -28.64 25.38 30.58
CA ALA G 29 -29.15 26.32 29.55
C ALA G 29 -28.51 25.96 28.20
N GLU G 30 -27.20 25.68 28.19
CA GLU G 30 -26.41 25.30 27.00
C GLU G 30 -27.11 24.13 26.29
N VAL G 31 -27.55 23.14 27.05
CA VAL G 31 -28.30 22.00 26.43
C VAL G 31 -29.57 22.54 25.78
N ALA G 32 -30.34 23.35 26.50
CA ALA G 32 -31.61 23.90 25.98
C ALA G 32 -31.28 24.62 24.65
N GLU G 33 -30.36 25.59 24.69
CA GLU G 33 -29.98 26.47 23.53
C GLU G 33 -29.59 25.60 22.33
N ILE G 34 -28.88 24.52 22.59
CA ILE G 34 -28.36 23.62 21.51
C ILE G 34 -29.53 22.90 20.87
N LEU G 35 -30.41 22.33 21.68
CA LEU G 35 -31.59 21.61 21.15
C LEU G 35 -32.54 22.63 20.50
N ALA G 36 -32.72 23.78 21.14
CA ALA G 36 -33.52 24.90 20.60
C ALA G 36 -33.05 25.19 19.17
N ARG G 37 -31.75 25.11 18.89
CA ARG G 37 -31.17 25.43 17.56
C ARG G 37 -31.74 24.48 16.48
N TYR G 38 -32.11 23.25 16.83
CA TYR G 38 -32.65 22.27 15.85
C TYR G 38 -34.18 22.23 15.92
N GLY G 39 -34.82 23.27 16.47
CA GLY G 39 -36.27 23.48 16.39
C GLY G 39 -37.06 22.69 17.42
N ILE G 40 -36.43 22.37 18.54
CA ILE G 40 -37.08 21.62 19.65
C ILE G 40 -37.75 22.63 20.60
N GLU G 41 -39.01 22.44 20.91
CA GLU G 41 -39.73 23.38 21.78
C GLU G 41 -39.41 23.01 23.23
N PRO G 42 -39.62 23.94 24.17
CA PRO G 42 -39.29 23.69 25.58
C PRO G 42 -39.91 22.40 26.11
N HIS G 43 -41.18 22.12 25.80
CA HIS G 43 -41.91 21.00 26.43
C HIS G 43 -41.30 19.68 25.96
N GLU G 44 -40.55 19.69 24.85
CA GLU G 44 -39.92 18.50 24.25
C GLU G 44 -38.48 18.35 24.76
N TYR G 45 -37.72 19.44 24.90
CA TYR G 45 -36.30 19.37 25.36
C TYR G 45 -36.24 19.41 26.89
N GLY G 46 -37.27 19.94 27.56
CA GLY G 46 -37.35 19.96 29.03
C GLY G 46 -36.94 18.63 29.66
N PRO G 47 -37.62 17.50 29.30
CA PRO G 47 -37.36 16.21 29.90
C PRO G 47 -35.91 15.80 29.67
N VAL G 48 -35.36 16.13 28.50
CA VAL G 48 -33.95 15.78 28.15
C VAL G 48 -33.00 16.50 29.13
N VAL G 49 -33.21 17.81 29.32
CA VAL G 49 -32.36 18.68 30.19
C VAL G 49 -32.42 18.12 31.61
N ASN G 50 -33.65 17.98 32.16
CA ASN G 50 -33.89 17.44 33.52
C ASN G 50 -33.09 16.14 33.62
N ALA G 51 -33.28 15.24 32.64
CA ALA G 51 -32.69 13.88 32.63
C ALA G 51 -31.17 13.94 32.72
N LEU G 52 -30.53 14.88 32.01
CA LEU G 52 -29.06 15.03 32.07
C LEU G 52 -28.67 15.59 33.44
N ARG G 53 -29.47 16.48 34.03
CA ARG G 53 -29.15 17.08 35.35
C ARG G 53 -29.01 15.97 36.38
N LYS G 54 -29.88 14.95 36.29
CA LYS G 54 -29.90 13.84 37.28
C LYS G 54 -28.77 12.85 37.02
N LYS G 55 -27.95 13.03 35.97
CA LYS G 55 -26.86 12.08 35.57
C LYS G 55 -25.64 12.85 35.09
N PRO G 56 -24.81 13.37 36.01
CA PRO G 56 -23.67 14.20 35.61
C PRO G 56 -22.68 13.55 34.62
N GLN G 57 -22.53 12.21 34.64
CA GLN G 57 -21.64 11.50 33.68
C GLN G 57 -22.17 11.71 32.26
N ALA G 58 -23.48 11.53 32.05
CA ALA G 58 -24.13 11.62 30.73
C ALA G 58 -24.13 13.07 30.28
N TRP G 59 -24.51 13.98 31.19
CA TRP G 59 -24.49 15.45 31.00
C TRP G 59 -23.11 15.85 30.47
N LEU G 60 -22.04 15.36 31.09
CA LEU G 60 -20.68 15.80 30.72
C LEU G 60 -20.38 15.25 29.33
N ASP G 61 -20.71 13.98 29.10
CA ASP G 61 -20.47 13.33 27.79
C ASP G 61 -21.17 14.18 26.74
N PHE G 62 -22.45 14.48 26.99
CA PHE G 62 -23.30 15.27 26.06
C PHE G 62 -22.68 16.65 25.78
N MET G 63 -22.06 17.31 26.77
CA MET G 63 -21.41 18.62 26.55
C MET G 63 -20.16 18.43 25.69
N MET G 64 -19.40 17.38 25.95
CA MET G 64 -18.13 17.16 25.22
C MET G 64 -18.44 16.98 23.73
N LYS G 65 -19.47 16.18 23.40
CA LYS G 65 -19.84 15.90 21.99
C LYS G 65 -20.53 17.10 21.36
N PHE G 66 -21.68 17.52 21.87
CA PHE G 66 -22.61 18.45 21.19
C PHE G 66 -22.21 19.92 21.37
N GLU G 67 -21.37 20.25 22.34
CA GLU G 67 -20.94 21.66 22.55
C GLU G 67 -19.53 21.85 21.99
N LEU G 68 -18.64 20.88 22.23
CA LEU G 68 -17.19 20.98 21.88
C LEU G 68 -16.82 19.97 20.78
N GLY G 69 -17.77 19.17 20.28
CA GLY G 69 -17.58 18.30 19.10
C GLY G 69 -16.52 17.23 19.31
N LEU G 70 -16.25 16.86 20.57
CA LEU G 70 -15.17 15.90 20.93
C LEU G 70 -15.78 14.51 21.20
N GLU G 71 -15.12 13.46 20.67
CA GLU G 71 -15.41 12.03 20.92
C GLU G 71 -14.41 11.45 21.93
N LYS G 72 -14.84 10.50 22.77
CA LYS G 72 -13.95 9.76 23.71
C LYS G 72 -12.90 9.03 22.87
N PRO G 73 -11.60 9.15 23.20
CA PRO G 73 -10.56 8.57 22.35
C PRO G 73 -10.79 7.08 22.02
N GLY H 1 -6.27 18.97 -10.28
CA GLY H 1 -6.81 20.32 -9.91
C GLY H 1 -7.22 20.42 -8.44
N SER H 2 -7.57 21.62 -8.00
CA SER H 2 -8.00 21.91 -6.60
C SER H 2 -9.43 21.38 -6.39
N HIS H 3 -9.78 21.06 -5.14
CA HIS H 3 -11.12 20.58 -4.70
C HIS H 3 -11.80 21.72 -3.94
N SER H 4 -13.06 21.55 -3.52
CA SER H 4 -13.90 22.61 -2.91
C SER H 4 -14.60 22.07 -1.65
N GLU H 5 -14.44 22.71 -0.50
CA GLU H 5 -15.12 22.27 0.75
C GLU H 5 -16.63 22.53 0.62
N ALA H 6 -17.04 23.73 0.20
CA ALA H 6 -18.46 24.05 -0.12
C ALA H 6 -19.05 22.93 -0.99
N ASP H 7 -18.34 22.46 -2.02
CA ASP H 7 -18.86 21.41 -2.96
C ASP H 7 -18.95 20.05 -2.27
N ASN H 8 -18.01 19.71 -1.37
CA ASN H 8 -18.01 18.43 -0.61
C ASN H 8 -19.21 18.42 0.33
N TYR H 9 -19.47 19.55 0.99
CA TYR H 9 -20.62 19.75 1.89
C TYR H 9 -21.91 19.56 1.09
N ALA H 10 -22.04 20.33 0.02
CA ALA H 10 -23.19 20.33 -0.92
C ALA H 10 -23.50 18.90 -1.41
N ARG H 11 -22.49 18.06 -1.70
CA ARG H 11 -22.70 16.68 -2.21
C ARG H 11 -23.36 15.84 -1.11
N GLU H 12 -22.85 15.99 0.13
CA GLU H 12 -23.33 15.22 1.32
C GLU H 12 -24.77 15.63 1.64
N LEU H 13 -25.02 16.96 1.66
CA LEU H 13 -26.32 17.66 1.83
C LEU H 13 -27.35 17.10 0.83
N LYS H 14 -26.96 16.99 -0.44
CA LYS H 14 -27.79 16.40 -1.53
C LYS H 14 -28.17 14.97 -1.12
N ARG H 15 -27.19 14.08 -0.88
CA ARG H 15 -27.42 12.63 -0.61
C ARG H 15 -28.32 12.51 0.61
N GLU H 16 -28.09 13.34 1.64
CA GLU H 16 -28.76 13.24 2.98
C GLU H 16 -30.23 13.67 2.84
N GLN H 17 -30.52 14.71 2.03
CA GLN H 17 -31.91 15.14 1.69
C GLN H 17 -32.67 13.98 1.05
N GLU H 18 -32.04 13.26 0.11
CA GLU H 18 -32.63 12.10 -0.63
C GLU H 18 -33.00 10.99 0.38
N GLU H 19 -32.16 10.74 1.39
CA GLU H 19 -32.34 9.60 2.35
C GLU H 19 -33.53 9.90 3.25
N ILE H 20 -33.69 11.15 3.69
CA ILE H 20 -34.84 11.64 4.51
C ILE H 20 -36.13 11.35 3.75
N ILE H 21 -36.21 11.81 2.50
CA ILE H 21 -37.36 11.62 1.55
C ILE H 21 -37.60 10.12 1.32
N ARG H 22 -36.54 9.35 1.06
CA ARG H 22 -36.59 7.98 0.49
C ARG H 22 -36.77 6.94 1.62
N VAL H 23 -36.00 7.05 2.70
CA VAL H 23 -35.97 6.07 3.84
C VAL H 23 -36.12 6.82 5.16
N PRO H 24 -37.26 7.51 5.39
CA PRO H 24 -37.37 8.41 6.54
C PRO H 24 -37.12 7.66 7.85
N ASP H 25 -37.58 6.41 7.95
CA ASP H 25 -37.58 5.63 9.22
C ASP H 25 -36.14 5.28 9.60
N THR H 26 -35.30 4.99 8.59
CA THR H 26 -33.87 4.68 8.80
C THR H 26 -33.20 5.92 9.39
N GLU H 27 -33.54 7.10 8.86
CA GLU H 27 -32.90 8.41 9.19
C GLU H 27 -33.39 8.87 10.58
N ALA H 28 -34.62 8.52 10.96
CA ALA H 28 -35.21 8.77 12.29
C ALA H 28 -34.48 7.89 13.32
N ALA H 29 -34.34 6.60 13.02
CA ALA H 29 -33.68 5.61 13.89
C ALA H 29 -32.22 6.03 14.13
N GLU H 30 -31.63 6.66 13.11
CA GLU H 30 -30.25 7.23 13.14
C GLU H 30 -30.21 8.33 14.20
N VAL H 31 -31.27 9.12 14.33
CA VAL H 31 -31.25 10.20 15.36
C VAL H 31 -31.35 9.54 16.74
N ALA H 32 -32.21 8.52 16.88
CA ALA H 32 -32.41 7.80 18.15
C ALA H 32 -31.07 7.22 18.59
N GLU H 33 -30.43 6.46 17.71
CA GLU H 33 -29.16 5.75 18.05
C GLU H 33 -28.16 6.77 18.60
N ILE H 34 -28.04 7.91 17.92
CA ILE H 34 -27.09 9.00 18.31
C ILE H 34 -27.44 9.52 19.71
N LEU H 35 -28.72 9.79 20.00
CA LEU H 35 -29.13 10.32 21.33
C LEU H 35 -28.98 9.25 22.42
N ALA H 36 -29.18 7.97 22.07
CA ALA H 36 -29.10 6.84 23.02
C ALA H 36 -27.67 6.69 23.58
N ARG H 37 -26.68 7.27 22.91
CA ARG H 37 -25.27 7.22 23.36
C ARG H 37 -25.08 8.00 24.68
N TYR H 38 -25.87 9.05 24.93
CA TYR H 38 -25.66 10.05 26.04
C TYR H 38 -26.72 9.89 27.14
N GLY H 39 -26.93 8.65 27.62
CA GLY H 39 -27.70 8.37 28.83
C GLY H 39 -29.08 9.01 28.78
N ILE H 40 -29.61 9.25 27.58
CA ILE H 40 -31.01 9.69 27.32
C ILE H 40 -31.81 8.42 27.02
N GLU H 41 -32.91 8.21 27.76
CA GLU H 41 -33.76 6.99 27.66
C GLU H 41 -34.80 7.19 26.55
N PRO H 42 -35.31 6.10 25.97
CA PRO H 42 -36.28 6.19 24.88
C PRO H 42 -37.43 7.17 25.13
N HIS H 43 -38.01 7.23 26.32
CA HIS H 43 -39.20 8.09 26.58
C HIS H 43 -38.81 9.57 26.47
N GLU H 44 -37.52 9.88 26.56
CA GLU H 44 -37.02 11.29 26.56
C GLU H 44 -36.58 11.70 25.16
N TYR H 45 -36.06 10.77 24.34
CA TYR H 45 -35.53 11.06 22.98
C TYR H 45 -36.54 10.70 21.88
N GLY H 46 -37.43 9.74 22.13
CA GLY H 46 -38.55 9.45 21.19
C GLY H 46 -39.23 10.75 20.76
N PRO H 47 -39.74 11.57 21.70
CA PRO H 47 -40.43 12.81 21.36
C PRO H 47 -39.57 13.77 20.52
N VAL H 48 -38.27 13.82 20.77
CA VAL H 48 -37.32 14.71 20.05
C VAL H 48 -37.26 14.22 18.61
N VAL H 49 -36.98 12.93 18.42
CA VAL H 49 -36.99 12.24 17.09
C VAL H 49 -38.28 12.63 16.35
N ASN H 50 -39.45 12.42 16.96
CA ASN H 50 -40.76 12.65 16.31
C ASN H 50 -40.91 14.13 15.92
N ALA H 51 -40.39 15.05 16.73
CA ALA H 51 -40.56 16.51 16.55
C ALA H 51 -39.61 16.98 15.43
N LEU H 52 -38.37 16.49 15.43
CA LEU H 52 -37.35 16.74 14.38
C LEU H 52 -37.96 16.40 13.03
N ARG H 53 -38.51 15.20 12.98
CA ARG H 53 -39.11 14.53 11.80
C ARG H 53 -40.12 15.46 11.12
N LYS H 54 -40.75 16.37 11.85
CA LYS H 54 -41.81 17.27 11.33
C LYS H 54 -41.21 18.61 10.91
N LYS H 55 -39.90 18.78 11.03
CA LYS H 55 -39.17 20.01 10.59
C LYS H 55 -38.00 19.59 9.70
N PRO H 56 -38.16 19.65 8.36
CA PRO H 56 -37.26 18.98 7.44
C PRO H 56 -35.84 19.59 7.50
N GLN H 57 -35.74 20.92 7.58
CA GLN H 57 -34.44 21.68 7.60
C GLN H 57 -33.66 21.29 8.87
N ALA H 58 -34.30 21.39 10.04
CA ALA H 58 -33.70 21.04 11.36
C ALA H 58 -33.22 19.60 11.32
N TRP H 59 -34.07 18.69 10.84
CA TRP H 59 -33.75 17.24 10.71
C TRP H 59 -32.47 17.10 9.90
N LEU H 60 -32.37 17.78 8.77
CA LEU H 60 -31.19 17.70 7.86
C LEU H 60 -29.98 18.32 8.58
N ASP H 61 -30.14 19.50 9.15
CA ASP H 61 -29.01 20.12 9.89
C ASP H 61 -28.53 19.15 10.97
N PHE H 62 -29.42 18.56 11.77
CA PHE H 62 -29.04 17.64 12.88
C PHE H 62 -28.08 16.57 12.35
N MET H 63 -28.52 15.82 11.34
CA MET H 63 -27.70 14.69 10.82
C MET H 63 -26.44 15.25 10.15
N MET H 64 -26.51 16.42 9.47
CA MET H 64 -25.32 17.03 8.80
C MET H 64 -24.22 17.21 9.85
N LYS H 65 -24.56 17.85 10.97
CA LYS H 65 -23.55 18.15 12.01
C LYS H 65 -23.19 16.86 12.75
N PHE H 66 -24.19 16.11 13.24
CA PHE H 66 -24.01 15.09 14.31
C PHE H 66 -23.82 13.67 13.75
N GLU H 67 -24.35 13.34 12.57
CA GLU H 67 -24.14 11.99 11.99
C GLU H 67 -22.88 12.04 11.12
N LEU H 68 -22.77 13.04 10.26
CA LEU H 68 -21.76 13.14 9.18
C LEU H 68 -20.56 13.99 9.66
N GLY H 69 -20.71 14.74 10.75
CA GLY H 69 -19.59 15.49 11.36
C GLY H 69 -19.15 16.65 10.50
N LEU H 70 -20.11 17.34 9.85
CA LEU H 70 -19.87 18.44 8.89
C LEU H 70 -20.52 19.74 9.38
N GLU H 71 -19.77 20.84 9.32
CA GLU H 71 -20.24 22.23 9.57
C GLU H 71 -20.53 22.86 8.20
N LYS H 72 -21.55 23.71 8.14
CA LYS H 72 -21.87 24.58 6.98
C LYS H 72 -20.72 25.57 6.81
N PRO H 73 -19.98 25.60 5.68
CA PRO H 73 -18.97 26.63 5.45
C PRO H 73 -19.61 28.01 5.20
ZN ZN I . 23.25 -31.73 -15.09
FE FE2 J . 25.83 -29.67 -16.45
ZN ZN K . 24.78 -32.61 -17.91
ZN ZN L . 4.03 -31.85 -1.81
ZN ZN M . 2.39 -31.21 1.26
ZN ZN N . 23.03 -2.58 -18.60
FE FE2 O . 25.77 -4.82 -18.99
ZN ZN P . 26.02 -1.55 -17.60
ZN ZN Q . 3.71 -4.72 -18.09
ZN ZN R . -1.89 -5.99 -14.74
ZN ZN S . -5.14 -5.82 -15.22
ZN ZN T . 18.38 -2.74 -14.68
FE FE2 U . -3.60 -7.61 -12.53
FE FE2 V . 1.11 -29.94 -1.53
ZN ZN W . 3.72 21.60 21.42
FE FE2 X . 5.27 21.73 18.04
ZN ZN Y . 6.59 19.84 20.93
ZN ZN Z . -18.06 24.52 29.42
ZN ZN AA . -7.77 16.01 -5.63
FE FE2 BA . -4.37 16.79 -5.11
ZN ZN CA . -6.24 18.34 -7.93
ZN ZN DA . -27.27 9.63 5.39
FE FE2 EA . -20.95 22.92 28.71
ZN ZN FA . -20.52 26.61 30.00
ZN ZN GA . -28.91 6.95 6.46
ZN ZN HA . -28.98 9.94 8.03
ZN ZN IA . -40.28 7.99 30.95
#